data_4YJ0
#
_entry.id   4YJ0
#
_cell.length_a   83.185
_cell.length_b   138.926
_cell.length_c   141.574
_cell.angle_alpha   90.00
_cell.angle_beta   90.00
_cell.angle_gamma   90.00
#
_symmetry.space_group_name_H-M   'I 2 2 2'
#
loop_
_entity.id
_entity.type
_entity.pdbx_description
1 polymer 'Doublesex- and mab-3-related transcription factor 1'
2 polymer 'DNA (25-MER)'
3 polymer 'DNA (25-MER)'
4 non-polymer 'ZINC ION'
#
loop_
_entity_poly.entity_id
_entity_poly.type
_entity_poly.pdbx_seq_one_letter_code
_entity_poly.pdbx_strand_id
1 'polypeptide(L)' SKKSPRLPKCARCRNHGYASPLKGHKRFCMWRDCQCKKCNLIAERQRVMAAQVALRRQQAQEEELGISHP A,B,C
2 'polydeoxyribonucleotide'
;(DC)(DG)(DA)(DG)(DA)(DT)(DT)(DT)(DG)(DA)(DT)(DA)(DC)(DA)(DT)(DT)(DG)(DT)(DT)(DG)
(DC)(DT)(DC)(DG)(DA)
;
D
3 'polydeoxyribonucleotide'
;(DT)(DC)(DG)(DA)(DG)(DC)(DA)(DA)(DC)(DA)(DA)(DT)(DG)(DT)(DA)(DT)(DC)(DA)(DA)(DA)
(DT)(DC)(DT)(DC)(DG)
;
E
#
loop_
_chem_comp.id
_chem_comp.type
_chem_comp.name
_chem_comp.formula
DA DNA linking 2'-DEOXYADENOSINE-5'-MONOPHOSPHATE 'C10 H14 N5 O6 P'
DC DNA linking 2'-DEOXYCYTIDINE-5'-MONOPHOSPHATE 'C9 H14 N3 O7 P'
DG DNA linking 2'-DEOXYGUANOSINE-5'-MONOPHOSPHATE 'C10 H14 N5 O7 P'
DT DNA linking THYMIDINE-5'-MONOPHOSPHATE 'C10 H15 N2 O8 P'
ZN non-polymer 'ZINC ION' 'Zn 2'
#
# COMPACT_ATOMS: atom_id res chain seq x y z
N SER A 4 -8.86 -23.40 15.62
CA SER A 4 -9.52 -23.55 14.33
C SER A 4 -8.91 -22.60 13.30
N PRO A 5 -8.87 -23.04 12.02
CA PRO A 5 -8.33 -22.25 10.91
C PRO A 5 -9.13 -21.00 10.55
N ARG A 6 -8.43 -20.00 10.00
CA ARG A 6 -9.06 -18.76 9.55
C ARG A 6 -8.91 -18.69 8.03
N LEU A 7 -9.98 -18.25 7.38
CA LEU A 7 -10.06 -18.20 5.92
C LEU A 7 -11.15 -17.28 5.35
N PRO A 8 -10.92 -16.71 4.15
CA PRO A 8 -11.93 -15.84 3.52
C PRO A 8 -13.28 -16.54 3.20
N LYS A 9 -14.44 -15.87 3.28
CA LYS A 9 -14.71 -14.40 3.37
C LYS A 9 -14.29 -13.62 2.12
N CYS A 10 -15.21 -13.58 1.15
CA CYS A 10 -15.01 -12.91 -0.13
C CYS A 10 -14.82 -11.40 -0.02
N ALA A 11 -13.95 -10.86 -0.88
CA ALA A 11 -13.60 -9.43 -0.84
C ALA A 11 -14.68 -8.53 -1.45
N ARG A 12 -15.21 -8.92 -2.60
CA ARG A 12 -16.14 -8.06 -3.33
C ARG A 12 -17.43 -7.79 -2.56
N CYS A 13 -17.90 -8.79 -1.81
CA CYS A 13 -19.07 -8.65 -0.97
C CYS A 13 -18.82 -7.73 0.23
N ARG A 14 -17.60 -7.76 0.78
CA ARG A 14 -17.28 -7.00 1.97
C ARG A 14 -17.34 -5.50 1.69
N ASN A 15 -17.06 -5.14 0.44
CA ASN A 15 -17.01 -3.75 0.04
C ASN A 15 -18.37 -3.06 0.20
N HIS A 16 -19.42 -3.86 0.12
CA HIS A 16 -20.77 -3.35 0.28
C HIS A 16 -21.31 -3.74 1.65
N GLY A 17 -20.50 -4.47 2.41
CA GLY A 17 -20.79 -4.82 3.79
C GLY A 17 -21.41 -6.17 4.11
N TYR A 18 -21.93 -6.87 3.12
CA TYR A 18 -22.65 -8.12 3.34
C TYR A 18 -21.78 -9.34 3.63
N ALA A 19 -20.46 -9.12 3.76
CA ALA A 19 -19.50 -10.17 4.13
C ALA A 19 -19.46 -11.33 3.14
N SER A 20 -20.25 -12.36 3.41
CA SER A 20 -20.43 -13.51 2.51
C SER A 20 -19.14 -14.27 2.18
N PRO A 21 -18.90 -15.39 2.88
CA PRO A 21 -17.74 -16.27 2.69
C PRO A 21 -17.70 -16.93 1.31
N LEU A 22 -16.51 -17.15 0.77
CA LEU A 22 -16.35 -17.76 -0.55
C LEU A 22 -16.14 -19.26 -0.47
N LYS A 23 -16.92 -20.02 -1.23
CA LYS A 23 -16.74 -21.46 -1.37
C LYS A 23 -16.78 -21.92 -2.83
N GLY A 24 -17.27 -21.03 -3.69
CA GLY A 24 -17.46 -21.29 -5.11
C GLY A 24 -18.24 -20.09 -5.58
N HIS A 25 -18.16 -19.05 -4.75
CA HIS A 25 -19.00 -17.86 -4.77
C HIS A 25 -18.75 -16.97 -5.99
N LYS A 26 -17.76 -17.37 -6.78
CA LYS A 26 -17.27 -16.59 -7.90
C LYS A 26 -18.37 -16.03 -8.75
N ARG A 27 -19.28 -16.88 -9.17
CA ARG A 27 -20.32 -16.53 -10.14
C ARG A 27 -21.58 -16.04 -9.44
N PHE A 28 -21.74 -16.46 -8.19
CA PHE A 28 -22.90 -16.14 -7.36
C PHE A 28 -22.71 -14.82 -6.60
N CYS A 29 -21.57 -14.17 -6.85
CA CYS A 29 -21.08 -13.05 -6.03
C CYS A 29 -22.02 -11.84 -5.93
N MET A 30 -23.03 -11.79 -6.79
CA MET A 30 -24.05 -10.72 -6.82
C MET A 30 -23.47 -9.40 -7.34
N TRP A 31 -22.14 -9.33 -7.39
CA TRP A 31 -21.44 -8.25 -8.06
C TRP A 31 -20.50 -8.84 -9.09
N ARG A 32 -20.98 -9.87 -9.78
CA ARG A 32 -20.22 -10.51 -10.84
C ARG A 32 -20.02 -9.45 -11.90
N ASP A 33 -18.79 -9.32 -12.39
CA ASP A 33 -18.45 -8.31 -13.40
C ASP A 33 -18.89 -6.94 -12.89
N CYS A 34 -18.03 -6.29 -12.10
CA CYS A 34 -18.36 -4.98 -11.55
C CYS A 34 -17.28 -3.93 -11.77
N GLN A 35 -17.70 -2.68 -11.90
CA GLN A 35 -16.78 -1.59 -12.22
C GLN A 35 -16.93 -0.39 -11.28
N CYS A 36 -17.34 -0.63 -10.04
CA CYS A 36 -17.32 0.42 -9.04
C CYS A 36 -15.87 0.66 -8.67
N LYS A 37 -15.55 1.85 -8.20
CA LYS A 37 -14.15 2.24 -7.99
C LYS A 37 -13.44 1.33 -6.98
N LYS A 38 -14.20 0.78 -6.04
CA LYS A 38 -13.67 -0.19 -5.08
C LYS A 38 -13.34 -1.56 -5.69
N CYS A 39 -14.28 -2.14 -6.43
CA CYS A 39 -14.08 -3.44 -7.06
C CYS A 39 -13.27 -3.35 -8.36
N ASN A 40 -13.07 -2.13 -8.85
CA ASN A 40 -12.29 -1.91 -10.05
C ASN A 40 -10.82 -2.30 -9.91
N LEU A 41 -10.29 -2.22 -8.69
CA LEU A 41 -8.87 -2.51 -8.48
C LEU A 41 -8.48 -3.97 -8.67
N ILE A 42 -9.32 -4.91 -8.23
CA ILE A 42 -8.98 -6.32 -8.38
C ILE A 42 -8.99 -6.74 -9.85
N ALA A 43 -9.87 -6.13 -10.65
CA ALA A 43 -9.92 -6.44 -12.07
C ALA A 43 -8.67 -5.93 -12.77
N GLU A 44 -8.19 -4.79 -12.31
CA GLU A 44 -6.94 -4.22 -12.82
C GLU A 44 -5.72 -5.04 -12.40
N ARG A 45 -5.81 -5.65 -11.21
CA ARG A 45 -4.68 -6.41 -10.68
C ARG A 45 -4.30 -7.62 -11.53
N GLN A 46 -5.31 -8.28 -12.09
CA GLN A 46 -5.06 -9.48 -12.89
C GLN A 46 -4.67 -9.08 -14.31
N ARG A 47 -5.22 -7.96 -14.79
CA ARG A 47 -4.86 -7.44 -16.10
C ARG A 47 -3.39 -7.06 -16.11
N VAL A 48 -2.89 -6.63 -14.96
CA VAL A 48 -1.47 -6.34 -14.82
C VAL A 48 -0.71 -7.66 -14.84
N MET A 49 -1.22 -8.63 -14.07
CA MET A 49 -0.60 -9.95 -14.00
C MET A 49 -0.65 -10.68 -15.33
N ALA A 50 -1.75 -10.53 -16.06
CA ALA A 50 -1.91 -11.22 -17.33
C ALA A 50 -0.99 -10.64 -18.38
N ALA A 51 -0.89 -9.32 -18.41
CA ALA A 51 0.01 -8.63 -19.32
C ALA A 51 1.46 -8.90 -18.96
N GLN A 52 1.72 -9.11 -17.67
CA GLN A 52 3.06 -9.37 -17.19
C GLN A 52 3.52 -10.76 -17.58
N VAL A 53 2.67 -11.76 -17.33
CA VAL A 53 2.98 -13.14 -17.71
C VAL A 53 3.04 -13.30 -19.22
N ALA A 54 2.21 -12.56 -19.93
CA ALA A 54 2.20 -12.62 -21.40
C ALA A 54 3.51 -12.07 -21.97
N LEU A 55 4.08 -11.08 -21.28
CA LEU A 55 5.34 -10.50 -21.69
C LEU A 55 6.49 -11.49 -21.51
N ARG A 56 6.44 -12.24 -20.41
CA ARG A 56 7.47 -13.23 -20.11
C ARG A 56 7.47 -14.39 -21.10
N ARG A 57 6.28 -14.85 -21.47
CA ARG A 57 6.14 -15.95 -22.42
C ARG A 57 6.48 -15.54 -23.85
N GLN A 58 6.31 -14.26 -24.16
CA GLN A 58 6.62 -13.77 -25.49
C GLN A 58 8.11 -13.56 -25.74
N GLN A 59 8.79 -12.97 -24.77
CA GLN A 59 10.23 -12.76 -24.88
C GLN A 59 11.00 -14.08 -24.87
N ALA A 60 10.49 -15.06 -24.14
CA ALA A 60 11.08 -16.38 -24.12
C ALA A 60 10.93 -17.03 -25.49
N GLN A 61 9.83 -16.71 -26.17
CA GLN A 61 9.57 -17.24 -27.50
C GLN A 61 10.36 -16.56 -28.61
N GLU A 62 10.61 -15.26 -28.47
CA GLU A 62 11.28 -14.51 -29.52
C GLU A 62 12.74 -14.92 -29.70
N GLU A 63 13.39 -15.28 -28.61
CA GLU A 63 14.81 -15.63 -28.65
C GLU A 63 15.06 -16.97 -29.33
N GLU A 64 14.04 -17.81 -29.32
CA GLU A 64 14.14 -19.18 -29.84
C GLU A 64 14.37 -19.23 -31.35
N LEU A 65 14.04 -18.15 -32.04
CA LEU A 65 14.19 -18.09 -33.49
C LEU A 65 15.61 -17.74 -33.88
N LYS B 3 2.99 -18.29 10.37
CA LYS B 3 3.26 -19.69 10.66
C LYS B 3 4.17 -20.29 9.58
N SER B 4 4.60 -19.46 8.64
CA SER B 4 5.52 -19.91 7.59
C SER B 4 6.69 -18.93 7.49
N PRO B 5 7.89 -19.45 7.12
CA PRO B 5 9.02 -18.51 7.01
C PRO B 5 8.83 -17.49 5.90
N ARG B 6 9.34 -16.27 6.13
CA ARG B 6 9.27 -15.22 5.13
C ARG B 6 10.64 -14.59 4.87
N LEU B 7 10.89 -14.18 3.64
CA LEU B 7 12.10 -13.42 3.33
C LEU B 7 11.88 -12.60 2.05
N PRO B 8 11.86 -11.27 2.20
CA PRO B 8 11.69 -10.37 1.05
C PRO B 8 12.86 -10.44 0.07
N LYS B 9 12.57 -10.29 -1.21
CA LYS B 9 13.59 -10.03 -2.22
C LYS B 9 13.08 -8.91 -3.11
N CYS B 10 13.97 -8.04 -3.57
CA CYS B 10 13.52 -6.89 -4.36
C CYS B 10 12.89 -7.34 -5.66
N ALA B 11 11.78 -6.70 -6.04
CA ALA B 11 11.04 -7.09 -7.23
C ALA B 11 11.71 -6.59 -8.50
N ARG B 12 12.08 -5.31 -8.50
CA ARG B 12 12.67 -4.68 -9.67
C ARG B 12 14.01 -5.31 -10.02
N CYS B 13 14.72 -5.77 -9.00
CA CYS B 13 16.00 -6.45 -9.20
C CYS B 13 15.85 -7.81 -9.88
N ARG B 14 14.76 -8.51 -9.57
CA ARG B 14 14.50 -9.83 -10.13
C ARG B 14 14.24 -9.82 -11.63
N ASN B 15 13.69 -8.72 -12.12
CA ASN B 15 13.37 -8.61 -13.53
C ASN B 15 14.62 -8.66 -14.39
N HIS B 16 15.73 -8.21 -13.83
CA HIS B 16 16.98 -8.16 -14.58
C HIS B 16 17.99 -9.22 -14.19
N GLY B 17 17.66 -10.06 -13.21
CA GLY B 17 18.55 -11.15 -12.84
C GLY B 17 18.87 -11.23 -11.36
N TYR B 18 19.54 -10.20 -10.87
CA TYR B 18 20.10 -10.15 -9.52
C TYR B 18 19.03 -10.02 -8.43
N ALA B 19 18.37 -11.13 -8.11
CA ALA B 19 17.36 -11.11 -7.06
C ALA B 19 17.99 -10.92 -5.69
N SER B 20 18.46 -9.69 -5.44
CA SER B 20 18.99 -9.28 -4.16
C SER B 20 17.89 -9.15 -3.11
N PRO B 21 18.15 -9.69 -1.90
CA PRO B 21 17.16 -9.60 -0.80
C PRO B 21 16.92 -8.15 -0.42
N LEU B 22 15.69 -7.82 -0.03
CA LEU B 22 15.38 -6.44 0.31
C LEU B 22 15.48 -6.17 1.80
N LYS B 23 16.28 -5.16 2.12
CA LYS B 23 16.32 -4.61 3.46
C LYS B 23 16.29 -3.11 3.30
N GLY B 24 17.45 -2.50 3.12
CA GLY B 24 17.55 -1.06 2.91
C GLY B 24 17.84 -0.80 1.45
N HIS B 25 17.63 -1.83 0.63
CA HIS B 25 18.06 -1.85 -0.76
C HIS B 25 17.28 -0.90 -1.67
N LYS B 26 16.15 -0.41 -1.20
CA LYS B 26 15.25 0.37 -2.04
C LYS B 26 15.93 1.63 -2.57
N ARG B 27 16.87 2.17 -1.80
CA ARG B 27 17.57 3.39 -2.20
C ARG B 27 18.92 3.09 -2.88
N PHE B 28 19.52 1.95 -2.56
CA PHE B 28 20.81 1.58 -3.13
C PHE B 28 20.68 0.83 -4.46
N CYS B 29 19.44 0.65 -4.91
CA CYS B 29 19.18 -0.20 -6.08
C CYS B 29 19.88 0.33 -7.32
N MET B 30 20.47 -0.58 -8.09
CA MET B 30 21.15 -0.23 -9.33
C MET B 30 20.12 0.08 -10.41
N TRP B 31 18.88 -0.30 -10.11
CA TRP B 31 17.73 -0.01 -10.96
C TRP B 31 16.70 0.75 -10.13
N ARG B 32 17.16 1.78 -9.43
CA ARG B 32 16.32 2.53 -8.49
C ARG B 32 15.07 3.11 -9.16
N ASP B 33 15.16 3.41 -10.45
CA ASP B 33 14.00 3.87 -11.20
C ASP B 33 13.73 2.92 -12.36
N CYS B 34 14.34 3.21 -13.51
CA CYS B 34 14.21 2.39 -14.73
C CYS B 34 12.78 2.31 -15.25
N GLN B 35 12.63 2.18 -16.56
CA GLN B 35 11.31 2.26 -17.17
C GLN B 35 11.09 1.28 -18.31
N CYS B 36 11.75 0.12 -18.27
CA CYS B 36 11.49 -0.93 -19.25
C CYS B 36 10.13 -1.54 -18.99
N LYS B 37 9.51 -2.08 -20.04
CA LYS B 37 8.13 -2.55 -19.95
C LYS B 37 7.98 -3.66 -18.90
N LYS B 38 9.07 -4.38 -18.61
CA LYS B 38 9.03 -5.36 -17.54
C LYS B 38 8.83 -4.64 -16.20
N CYS B 39 9.65 -3.63 -15.96
CA CYS B 39 9.56 -2.88 -14.71
C CYS B 39 8.46 -1.82 -14.74
N ASN B 40 8.00 -1.45 -15.94
CA ASN B 40 6.90 -0.50 -16.05
C ASN B 40 5.61 -1.09 -15.50
N LEU B 41 5.47 -2.41 -15.68
CA LEU B 41 4.29 -3.12 -15.20
C LEU B 41 4.34 -3.25 -13.68
N ILE B 42 5.55 -3.49 -13.16
CA ILE B 42 5.72 -3.65 -11.73
C ILE B 42 5.41 -2.34 -11.02
N ALA B 43 5.70 -1.23 -11.69
CA ALA B 43 5.38 0.08 -11.12
C ALA B 43 3.88 0.26 -11.03
N GLU B 44 3.16 -0.24 -12.03
CA GLU B 44 1.70 -0.23 -12.01
C GLU B 44 1.19 -1.18 -10.94
N ARG B 45 1.92 -2.28 -10.76
CA ARG B 45 1.54 -3.30 -9.78
C ARG B 45 1.59 -2.77 -8.36
N GLN B 46 2.52 -1.85 -8.10
CA GLN B 46 2.72 -1.36 -6.75
C GLN B 46 1.66 -0.35 -6.31
N ARG B 47 1.27 0.53 -7.22
CA ARG B 47 0.19 1.48 -6.90
C ARG B 47 -1.17 0.79 -6.77
N VAL B 48 -1.38 -0.28 -7.52
CA VAL B 48 -2.64 -1.02 -7.43
C VAL B 48 -2.75 -1.78 -6.13
N MET B 49 -1.70 -2.52 -5.77
CA MET B 49 -1.71 -3.28 -4.54
C MET B 49 -1.73 -2.39 -3.30
N ALA B 50 -1.05 -1.26 -3.38
CA ALA B 50 -0.99 -0.33 -2.25
C ALA B 50 -2.34 0.32 -2.01
N ALA B 51 -2.99 0.73 -3.10
CA ALA B 51 -4.33 1.29 -3.00
C ALA B 51 -5.33 0.25 -2.54
N GLN B 52 -5.08 -1.00 -2.91
CA GLN B 52 -5.97 -2.11 -2.54
C GLN B 52 -5.84 -2.47 -1.07
N VAL B 53 -4.61 -2.60 -0.59
CA VAL B 53 -4.37 -2.94 0.80
C VAL B 53 -4.81 -1.78 1.71
N ALA B 54 -4.70 -0.56 1.20
CA ALA B 54 -5.12 0.62 1.95
C ALA B 54 -6.62 0.61 2.17
N LEU B 55 -7.35 0.05 1.20
CA LEU B 55 -8.80 -0.06 1.30
C LEU B 55 -9.19 -1.03 2.41
N ARG B 56 -8.43 -2.12 2.53
CA ARG B 56 -8.66 -3.11 3.57
C ARG B 56 -8.37 -2.53 4.96
N ARG B 57 -7.36 -1.65 5.02
CA ARG B 57 -7.00 -1.02 6.28
C ARG B 57 -8.10 -0.06 6.72
N GLN B 58 -8.87 0.43 5.75
CA GLN B 58 -10.02 1.28 6.00
C GLN B 58 -11.18 0.44 6.51
N GLN B 59 -11.32 -0.77 5.97
CA GLN B 59 -12.38 -1.69 6.37
C GLN B 59 -12.24 -2.07 7.83
N ALA B 60 -11.00 -2.12 8.32
CA ALA B 60 -10.74 -2.41 9.73
C ALA B 60 -11.30 -1.30 10.61
N GLN B 61 -11.31 -0.08 10.10
CA GLN B 61 -11.85 1.05 10.83
C GLN B 61 -13.38 1.01 10.85
N GLU B 62 -13.96 0.42 9.82
CA GLU B 62 -15.41 0.24 9.75
C GLU B 62 -15.87 -0.72 10.84
N GLU B 63 -15.00 -1.66 11.18
CA GLU B 63 -15.28 -2.66 12.21
C GLU B 63 -15.34 -2.03 13.59
N GLU B 64 -14.67 -0.89 13.75
CA GLU B 64 -14.50 -0.16 15.01
C GLU B 64 -14.19 -1.11 16.17
N LEU B 65 -13.25 -2.02 15.92
CA LEU B 65 -12.83 -2.98 16.94
C LEU B 65 -11.31 -3.14 16.93
N LYS C 3 6.60 1.74 33.75
CA LYS C 3 5.49 2.04 32.85
C LYS C 3 5.89 3.07 31.78
N SER C 4 5.57 2.79 30.53
CA SER C 4 5.87 3.74 29.45
C SER C 4 4.70 3.98 28.49
N PRO C 5 3.69 4.74 28.92
CA PRO C 5 2.54 5.10 28.09
C PRO C 5 2.82 6.44 27.40
N ARG C 6 2.22 6.64 26.22
CA ARG C 6 2.35 7.88 25.46
C ARG C 6 0.96 8.46 25.16
N LEU C 7 0.23 7.73 24.33
CA LEU C 7 -1.13 8.06 23.93
C LEU C 7 -1.18 9.45 23.28
N PRO C 8 -0.92 9.51 21.96
CA PRO C 8 -0.90 10.68 21.08
C PRO C 8 -2.26 11.38 20.92
N LYS C 9 -2.25 12.69 20.71
CA LYS C 9 -3.46 13.41 20.33
C LYS C 9 -3.23 14.22 19.07
N CYS C 10 -4.27 14.31 18.24
CA CYS C 10 -4.17 14.99 16.94
C CYS C 10 -3.85 16.46 17.08
N ALA C 11 -2.99 16.97 16.21
CA ALA C 11 -2.57 18.36 16.29
C ALA C 11 -3.60 19.33 15.72
N ARG C 12 -4.12 19.02 14.54
CA ARG C 12 -5.06 19.93 13.87
C ARG C 12 -6.39 20.08 14.61
N CYS C 13 -6.84 19.02 15.27
CA CYS C 13 -8.06 19.12 16.05
C CYS C 13 -7.83 19.98 17.28
N ARG C 14 -6.65 19.85 17.89
CA ARG C 14 -6.35 20.62 19.10
C ARG C 14 -6.18 22.10 18.76
N ASN C 15 -5.68 22.36 17.56
CA ASN C 15 -5.37 23.72 17.13
C ASN C 15 -6.56 24.66 16.94
N HIS C 16 -7.72 24.11 16.58
CA HIS C 16 -8.91 24.93 16.38
C HIS C 16 -9.95 24.80 17.49
N GLY C 17 -9.66 23.95 18.47
CA GLY C 17 -10.56 23.80 19.59
C GLY C 17 -10.31 22.53 20.38
N TYR C 18 -11.32 21.68 20.47
CA TYR C 18 -11.24 20.51 21.34
C TYR C 18 -10.24 19.49 20.81
N ALA C 19 -9.42 18.97 21.72
CA ALA C 19 -8.47 17.92 21.39
C ALA C 19 -9.14 16.57 21.24
N SER C 20 -8.56 15.70 20.42
CA SER C 20 -9.03 14.33 20.31
C SER C 20 -7.87 13.43 19.88
N PRO C 21 -7.66 12.32 20.62
CA PRO C 21 -6.59 11.36 20.27
C PRO C 21 -6.80 10.72 18.91
N LEU C 22 -5.71 10.45 18.20
CA LEU C 22 -5.80 9.83 16.89
C LEU C 22 -5.56 8.32 16.94
N LYS C 23 -6.49 7.56 16.37
CA LYS C 23 -6.28 6.14 16.14
C LYS C 23 -6.69 5.86 14.71
N GLY C 24 -7.93 6.19 14.38
CA GLY C 24 -8.42 6.10 13.02
C GLY C 24 -8.71 7.50 12.49
N HIS C 25 -8.27 8.50 13.24
CA HIS C 25 -8.72 9.88 13.04
C HIS C 25 -8.14 10.57 11.79
N LYS C 26 -7.14 9.96 11.17
CA LYS C 26 -6.40 10.60 10.08
C LYS C 26 -7.27 10.99 8.88
N ARG C 27 -8.30 10.20 8.62
CA ARG C 27 -9.18 10.46 7.49
C ARG C 27 -10.47 11.18 7.92
N PHE C 28 -10.83 11.02 9.18
CA PHE C 28 -12.08 11.55 9.70
C PHE C 28 -11.99 13.00 10.17
N CYS C 29 -10.79 13.58 10.10
CA CYS C 29 -10.57 14.90 10.67
C CYS C 29 -11.43 15.95 10.00
N MET C 30 -12.02 16.83 10.80
CA MET C 30 -12.85 17.90 10.29
C MET C 30 -12.03 19.11 9.86
N TRP C 31 -10.75 19.09 10.23
CA TRP C 31 -9.83 20.13 9.77
C TRP C 31 -8.69 19.48 9.01
N ARG C 32 -9.04 18.51 8.18
CA ARG C 32 -8.06 17.77 7.40
C ARG C 32 -7.31 18.67 6.42
N ASP C 33 -7.96 19.76 6.01
CA ASP C 33 -7.34 20.73 5.11
C ASP C 33 -7.18 22.10 5.79
N CYS C 34 -8.23 22.91 5.67
CA CYS C 34 -8.29 24.25 6.25
C CYS C 34 -7.18 25.19 5.76
N GLN C 35 -5.97 25.00 6.30
CA GLN C 35 -4.83 25.89 6.04
C GLN C 35 -4.99 27.32 6.60
N CYS C 36 -5.63 27.45 7.75
CA CYS C 36 -5.68 28.74 8.44
C CYS C 36 -4.28 29.06 8.91
N LYS C 37 -3.97 30.36 9.09
CA LYS C 37 -2.60 30.79 9.30
C LYS C 37 -1.94 30.18 10.52
N LYS C 38 -2.73 29.83 11.53
CA LYS C 38 -2.20 29.12 12.69
C LYS C 38 -1.82 27.69 12.32
N CYS C 39 -3.16 27.07 11.19
CA CYS C 39 -2.84 25.68 10.89
C CYS C 39 -1.74 25.57 9.85
N ASN C 40 -1.60 26.61 9.28
CA ASN C 40 -0.76 26.62 8.08
C ASN C 40 0.71 26.47 8.48
N LEU C 41 1.03 26.99 9.67
CA LEU C 41 2.40 26.96 10.18
C LEU C 41 2.84 25.57 10.64
N ILE C 42 1.95 24.84 11.31
CA ILE C 42 2.27 23.50 11.80
C ILE C 42 2.48 22.53 10.65
N ALA C 43 1.80 22.77 9.54
CA ALA C 43 1.93 21.92 8.36
C ALA C 43 3.33 21.97 7.77
N GLU C 44 3.97 23.14 7.84
CA GLU C 44 5.35 23.26 7.39
C GLU C 44 6.30 22.47 8.29
N ARG C 45 5.95 22.39 9.58
CA ARG C 45 6.76 21.68 10.55
C ARG C 45 6.80 20.20 10.24
N GLN C 46 5.72 19.69 9.66
CA GLN C 46 5.61 18.27 9.38
C GLN C 46 6.48 17.87 8.20
N ARG C 47 6.55 18.74 7.20
CA ARG C 47 7.44 18.52 6.07
C ARG C 47 8.90 18.60 6.48
N VAL C 48 9.20 19.45 7.46
CA VAL C 48 10.55 19.61 7.98
C VAL C 48 10.99 18.40 8.79
N MET C 49 10.12 17.95 9.69
CA MET C 49 10.42 16.80 10.54
C MET C 49 10.56 15.52 9.72
N ALA C 50 9.77 15.40 8.66
CA ALA C 50 9.79 14.21 7.81
C ALA C 50 11.11 14.09 7.06
N ALA C 51 11.58 15.22 6.54
CA ALA C 51 12.87 15.25 5.85
C ALA C 51 14.00 14.99 6.84
N GLN C 52 13.81 15.42 8.08
CA GLN C 52 14.81 15.23 9.12
C GLN C 52 14.92 13.78 9.58
N VAL C 53 13.78 13.17 9.86
CA VAL C 53 13.76 11.78 10.32
C VAL C 53 14.21 10.84 9.22
N ALA C 54 13.91 11.19 7.96
CA ALA C 54 14.34 10.38 6.83
C ALA C 54 15.86 10.39 6.70
N LEU C 55 16.48 11.50 7.06
CA LEU C 55 17.93 11.63 7.01
C LEU C 55 18.62 10.76 8.06
N ARG C 56 18.07 10.76 9.27
CA ARG C 56 18.63 9.97 10.37
C ARG C 56 18.53 8.48 10.11
N ARG C 57 17.44 8.06 9.49
CA ARG C 57 17.24 6.65 9.15
C ARG C 57 18.16 6.19 8.04
N GLN C 58 18.62 7.12 7.22
CA GLN C 58 19.59 6.77 6.17
C GLN C 58 20.97 6.59 6.78
N GLN C 59 21.33 7.49 7.69
CA GLN C 59 22.61 7.41 8.39
C GLN C 59 22.67 6.18 9.30
N ALA C 60 21.51 5.79 9.84
CA ALA C 60 21.43 4.62 10.68
C ALA C 60 21.75 3.35 9.89
N GLN C 61 21.40 3.36 8.62
CA GLN C 61 21.70 2.25 7.72
C GLN C 61 23.18 2.26 7.34
N GLU C 62 23.76 3.45 7.32
CA GLU C 62 25.14 3.65 6.88
C GLU C 62 26.15 2.98 7.81
N GLU C 63 25.81 2.86 9.09
CA GLU C 63 26.77 2.37 10.09
C GLU C 63 27.15 0.90 9.93
N GLU C 64 26.28 0.07 9.36
CA GLU C 64 26.58 -1.35 9.24
C GLU C 64 27.55 -1.66 8.10
N LEU C 65 27.65 -0.74 7.14
CA LEU C 65 28.53 -0.92 6.00
C LEU C 65 29.95 -0.44 6.31
ZN ZN F . -19.03 -2.99 -6.20
ZN ZN G . -18.83 -12.09 -3.12
ZN ZN H . 14.07 -2.33 -15.58
ZN ZN I . 16.56 -3.42 -5.87
ZN ZN J . -6.63 25.34 10.34
ZN ZN K . -7.78 15.68 13.75
#